data_2V85
#
_entry.id   2V85
#
_cell.length_a   76.711
_cell.length_b   46.936
_cell.length_c   56.955
_cell.angle_alpha   90.00
_cell.angle_beta   103.65
_cell.angle_gamma   90.00
#
_symmetry.space_group_name_H-M   'C 1 2 1'
#
loop_
_entity.id
_entity.type
_entity.pdbx_description
1 polymer 'VDJ RECOMBINATION-ACTIVATING PROTEIN 2'
2 polymer 'H3R2ME1K4ME3 PEPTIDE'
3 non-polymer 'ZINC ION'
4 water water
#
loop_
_entity_poly.entity_id
_entity_poly.type
_entity_poly.pdbx_seq_one_letter_code
_entity_poly.pdbx_strand_id
1 'polypeptide(L)'
;GPLGSPEFGYWITCCPTCDVDINTWVPFYSTELNKPAMIYCSHGDGHWVHAQCMDLEERTLIHLSEGSNKYYCNEHVQIA
RA
;
A,B
2 'polypeptide(L)' A(NMM)T(M3L)QTARKAAG D,E
#
loop_
_chem_comp.id
_chem_comp.type
_chem_comp.name
_chem_comp.formula
ZN non-polymer 'ZINC ION' 'Zn 2'
#
# COMPACT_ATOMS: atom_id res chain seq x y z
N GLY A 9 13.17 10.87 -8.12
CA GLY A 9 12.40 9.74 -8.66
C GLY A 9 11.79 8.88 -7.58
N TYR A 10 12.03 9.25 -6.32
CA TYR A 10 11.50 8.50 -5.19
C TYR A 10 10.02 8.76 -4.93
N TRP A 11 9.57 9.97 -5.23
CA TRP A 11 8.18 10.33 -4.96
C TRP A 11 7.24 10.32 -6.15
N ILE A 12 7.50 9.41 -7.08
CA ILE A 12 6.67 9.24 -8.26
C ILE A 12 5.47 8.37 -7.87
N THR A 13 4.49 8.30 -8.75
CA THR A 13 3.33 7.43 -8.56
C THR A 13 3.76 6.28 -9.46
N CYS A 14 4.33 5.23 -8.86
CA CYS A 14 4.86 4.09 -9.59
C CYS A 14 3.90 3.20 -10.37
N CYS A 15 2.66 3.10 -9.91
CA CYS A 15 1.68 2.25 -10.59
C CYS A 15 0.27 2.70 -10.23
N PRO A 16 -0.75 2.19 -10.96
CA PRO A 16 -2.14 2.56 -10.71
C PRO A 16 -2.60 2.46 -9.25
N THR A 17 -1.99 1.59 -8.48
CA THR A 17 -2.38 1.43 -7.08
C THR A 17 -1.32 1.92 -6.08
N CYS A 18 -0.33 2.65 -6.57
CA CYS A 18 0.75 3.17 -5.73
C CYS A 18 0.29 3.80 -4.42
N ASP A 19 0.86 3.34 -3.30
CA ASP A 19 0.51 3.82 -1.97
C ASP A 19 1.52 4.77 -1.35
N VAL A 20 2.65 4.97 -2.03
CA VAL A 20 3.68 5.85 -1.49
C VAL A 20 3.40 7.31 -1.81
N ASP A 21 3.40 8.14 -0.78
CA ASP A 21 3.14 9.57 -0.92
C ASP A 21 4.10 10.34 -0.03
N ILE A 22 4.75 11.34 -0.61
CA ILE A 22 5.70 12.17 0.11
C ILE A 22 5.08 12.83 1.35
N ASN A 23 3.75 12.91 1.37
CA ASN A 23 3.03 13.54 2.48
C ASN A 23 2.59 12.55 3.56
N THR A 24 2.78 11.25 3.34
CA THR A 24 2.36 10.26 4.33
C THR A 24 3.31 9.08 4.57
N TRP A 25 4.28 8.89 3.67
CA TRP A 25 5.20 7.77 3.77
C TRP A 25 5.97 7.59 5.08
N VAL A 26 6.15 6.33 5.48
CA VAL A 26 6.89 5.97 6.68
C VAL A 26 7.63 4.66 6.36
N PRO A 27 8.79 4.43 7.00
CA PRO A 27 9.54 3.20 6.74
C PRO A 27 8.78 1.92 7.03
N PHE A 28 9.03 0.92 6.18
CA PHE A 28 8.38 -0.37 6.30
C PHE A 28 9.44 -1.48 6.34
N TYR A 29 10.33 -1.49 5.35
CA TYR A 29 11.38 -2.49 5.33
C TYR A 29 12.48 -2.11 6.32
N SER A 30 13.24 -3.08 6.81
CA SER A 30 14.29 -2.81 7.77
C SER A 30 15.44 -1.99 7.17
N THR A 31 15.47 -1.88 5.85
CA THR A 31 16.51 -1.12 5.17
C THR A 31 16.10 0.33 4.89
N GLU A 32 14.86 0.67 5.22
CA GLU A 32 14.36 2.03 4.99
C GLU A 32 14.41 2.89 6.24
N LEU A 33 14.64 4.19 6.04
CA LEU A 33 14.65 5.14 7.14
C LEU A 33 13.89 6.38 6.68
N ASN A 34 14.46 7.12 5.73
CA ASN A 34 13.81 8.33 5.24
C ASN A 34 13.32 8.28 3.79
N LYS A 35 13.57 7.17 3.09
CA LYS A 35 13.13 7.01 1.71
C LYS A 35 12.64 5.61 1.40
N PRO A 36 11.66 5.49 0.49
CA PRO A 36 11.09 4.20 0.09
C PRO A 36 12.02 3.33 -0.75
N ALA A 37 12.05 2.05 -0.42
CA ALA A 37 12.88 1.12 -1.17
C ALA A 37 12.23 0.98 -2.55
N MET A 38 13.06 0.89 -3.57
CA MET A 38 12.55 0.77 -4.93
C MET A 38 13.29 -0.30 -5.72
N ILE A 39 12.63 -0.82 -6.75
CA ILE A 39 13.21 -1.86 -7.60
C ILE A 39 12.84 -1.53 -9.05
N TYR A 40 13.77 -1.81 -9.95
CA TYR A 40 13.56 -1.56 -11.37
C TYR A 40 12.83 -2.69 -12.09
N CYS A 41 11.79 -2.33 -12.84
CA CYS A 41 11.04 -3.31 -13.62
C CYS A 41 11.72 -3.27 -14.99
N SER A 42 12.10 -4.45 -15.49
CA SER A 42 12.81 -4.53 -16.76
C SER A 42 11.95 -4.57 -18.02
N HIS A 43 10.65 -4.36 -17.89
CA HIS A 43 9.78 -4.39 -19.07
C HIS A 43 10.10 -3.24 -20.03
N GLY A 44 10.41 -3.58 -21.28
CA GLY A 44 10.72 -2.54 -22.27
C GLY A 44 11.94 -1.76 -21.83
N ASP A 45 11.91 -0.43 -21.93
CA ASP A 45 13.06 0.35 -21.49
C ASP A 45 13.17 0.28 -19.97
N GLY A 46 12.11 -0.16 -19.32
CA GLY A 46 12.11 -0.28 -17.87
C GLY A 46 11.61 0.92 -17.10
N HIS A 47 11.35 0.72 -15.82
CA HIS A 47 10.88 1.80 -14.97
C HIS A 47 10.98 1.43 -13.49
N TRP A 48 11.13 2.43 -12.64
CA TRP A 48 11.24 2.21 -11.20
C TRP A 48 9.89 2.16 -10.51
N VAL A 49 9.76 1.23 -9.56
CA VAL A 49 8.53 1.10 -8.78
C VAL A 49 8.93 0.96 -7.30
N HIS A 50 8.00 1.26 -6.40
CA HIS A 50 8.27 1.12 -4.97
C HIS A 50 8.07 -0.34 -4.63
N ALA A 51 9.04 -0.93 -3.95
CA ALA A 51 8.95 -2.35 -3.58
C ALA A 51 7.67 -2.67 -2.84
N GLN A 52 7.29 -1.80 -1.90
CA GLN A 52 6.08 -2.01 -1.10
C GLN A 52 4.81 -2.05 -1.95
N CYS A 53 4.77 -1.25 -3.01
CA CYS A 53 3.60 -1.22 -3.87
C CYS A 53 3.43 -2.52 -4.65
N MET A 54 4.48 -3.34 -4.69
CA MET A 54 4.47 -4.61 -5.40
C MET A 54 4.18 -5.77 -4.44
N ASP A 55 3.98 -5.44 -3.17
CA ASP A 55 3.69 -6.46 -2.15
C ASP A 55 4.85 -7.45 -2.03
N LEU A 56 6.07 -6.97 -2.24
CA LEU A 56 7.25 -7.82 -2.11
C LEU A 56 7.65 -7.92 -0.64
N GLU A 57 7.83 -9.15 -0.16
CA GLU A 57 8.26 -9.34 1.22
C GLU A 57 9.71 -8.88 1.27
N GLU A 58 10.18 -8.50 2.45
CA GLU A 58 11.55 -8.03 2.58
C GLU A 58 12.60 -9.02 2.10
N ARG A 59 12.47 -10.29 2.45
CA ARG A 59 13.49 -11.24 2.00
C ARG A 59 13.54 -11.36 0.48
N THR A 60 12.39 -11.30 -0.18
CA THR A 60 12.34 -11.40 -1.64
C THR A 60 13.07 -10.20 -2.23
N LEU A 61 12.76 -9.03 -1.70
CA LEU A 61 13.37 -7.76 -2.14
C LEU A 61 14.90 -7.80 -1.97
N ILE A 62 15.35 -8.22 -0.79
CA ILE A 62 16.79 -8.29 -0.53
C ILE A 62 17.43 -9.30 -1.47
N HIS A 63 16.78 -10.43 -1.69
CA HIS A 63 17.34 -11.42 -2.60
C HIS A 63 17.45 -10.79 -3.99
N LEU A 64 16.39 -10.17 -4.47
CA LEU A 64 16.49 -9.55 -5.79
C LEU A 64 17.66 -8.57 -5.87
N SER A 65 17.86 -7.81 -4.79
CA SER A 65 18.94 -6.81 -4.76
C SER A 65 20.34 -7.42 -4.74
N GLU A 66 20.45 -8.67 -4.31
CA GLU A 66 21.74 -9.34 -4.23
C GLU A 66 22.06 -10.26 -5.41
N GLY A 67 21.25 -10.18 -6.47
CA GLY A 67 21.48 -11.03 -7.62
C GLY A 67 21.32 -10.31 -8.94
N SER A 68 21.53 -11.02 -10.05
CA SER A 68 21.43 -10.42 -11.37
C SER A 68 20.08 -10.66 -12.05
N ASN A 69 19.20 -11.38 -11.38
CA ASN A 69 17.87 -11.66 -11.94
C ASN A 69 17.11 -10.37 -12.18
N LYS A 70 16.38 -10.32 -13.27
CA LYS A 70 15.59 -9.14 -13.58
C LYS A 70 14.26 -9.25 -12.87
N TYR A 71 13.67 -8.10 -12.56
CA TYR A 71 12.37 -8.07 -11.91
C TYR A 71 11.35 -7.44 -12.86
N TYR A 72 10.12 -7.93 -12.79
CA TYR A 72 9.04 -7.40 -13.62
C TYR A 72 7.86 -7.09 -12.71
N CYS A 73 7.40 -5.84 -12.75
CA CYS A 73 6.30 -5.42 -11.89
C CYS A 73 5.01 -6.19 -12.18
N ASN A 74 4.10 -6.12 -11.23
CA ASN A 74 2.82 -6.83 -11.31
C ASN A 74 2.02 -6.48 -12.58
N GLU A 75 2.23 -5.28 -13.11
CA GLU A 75 1.55 -4.84 -14.33
C GLU A 75 2.10 -5.44 -15.63
N HIS A 76 3.39 -5.77 -15.64
CA HIS A 76 4.03 -6.27 -16.85
C HIS A 76 4.54 -7.70 -16.79
N VAL A 77 4.50 -8.30 -15.61
CA VAL A 77 5.01 -9.66 -15.43
C VAL A 77 4.40 -10.76 -16.32
N GLN A 78 3.14 -10.63 -16.71
CA GLN A 78 2.51 -11.67 -17.54
C GLN A 78 2.75 -11.46 -19.03
N ILE A 79 3.32 -10.32 -19.40
CA ILE A 79 3.56 -10.05 -20.81
C ILE A 79 4.62 -11.01 -21.33
N ALA A 80 4.32 -11.62 -22.46
CA ALA A 80 5.23 -12.57 -23.05
C ALA A 80 6.62 -12.03 -23.20
N ARG A 81 7.58 -12.68 -22.55
CA ARG A 81 8.91 -12.25 -22.84
C ARG A 81 9.81 -13.22 -23.46
N ALA A 82 10.20 -12.49 -24.48
CA ALA A 82 11.01 -12.63 -25.61
C ALA A 82 12.11 -13.59 -25.98
N GLY B 1 13.58 -7.41 10.55
CA GLY B 1 12.59 -6.79 9.63
C GLY B 1 11.29 -7.58 9.55
N PRO B 2 10.33 -7.11 8.75
CA PRO B 2 9.04 -7.81 8.64
C PRO B 2 9.09 -9.09 7.83
N LEU B 3 8.31 -10.07 8.27
CA LEU B 3 8.25 -11.33 7.56
C LEU B 3 7.01 -11.26 6.69
N GLY B 4 5.95 -10.63 7.20
CA GLY B 4 4.72 -10.52 6.43
C GLY B 4 4.84 -9.64 5.19
N SER B 5 3.90 -9.83 4.26
CA SER B 5 3.86 -9.06 3.03
C SER B 5 3.32 -7.67 3.29
N PRO B 6 3.61 -6.76 2.35
CA PRO B 6 3.13 -5.38 2.48
C PRO B 6 1.62 -5.21 2.45
N GLU B 7 0.94 -5.85 1.51
CA GLU B 7 -0.52 -5.73 1.31
C GLU B 7 -1.20 -6.36 2.49
N PHE B 8 -0.38 -6.65 3.48
CA PHE B 8 -0.92 -7.20 4.63
C PHE B 8 -1.94 -6.27 5.25
N GLY B 9 -1.66 -4.98 5.30
CA GLY B 9 -2.63 -4.07 5.88
C GLY B 9 -3.97 -4.12 5.19
N TYR B 10 -4.04 -4.64 3.98
CA TYR B 10 -5.31 -4.70 3.25
C TYR B 10 -6.23 -5.87 3.53
N TRP B 11 -5.65 -7.05 3.71
CA TRP B 11 -6.48 -8.23 3.92
C TRP B 11 -6.76 -8.67 5.36
N ILE B 12 -6.72 -7.70 6.28
CA ILE B 12 -6.97 -7.94 7.69
C ILE B 12 -8.48 -7.98 7.95
N THR B 13 -8.85 -8.41 9.16
CA THR B 13 -10.25 -8.40 9.56
C THR B 13 -10.25 -7.06 10.31
N CYS B 14 -10.75 -6.02 9.66
CA CYS B 14 -10.74 -4.65 10.19
C CYS B 14 -11.67 -4.29 11.34
N CYS B 15 -12.70 -5.10 11.56
CA CYS B 15 -13.64 -4.84 12.65
C CYS B 15 -14.46 -6.12 12.86
N PRO B 16 -15.23 -6.20 13.96
CA PRO B 16 -16.04 -7.39 14.27
C PRO B 16 -17.00 -7.85 13.17
N THR B 17 -17.47 -6.92 12.34
CA THR B 17 -18.39 -7.28 11.26
C THR B 17 -17.72 -7.29 9.89
N CYS B 18 -16.39 -7.24 9.88
CA CYS B 18 -15.63 -7.22 8.62
C CYS B 18 -15.92 -8.45 7.75
N ASP B 19 -16.31 -8.22 6.51
CA ASP B 19 -16.60 -9.32 5.59
C ASP B 19 -15.60 -9.39 4.44
N VAL B 20 -14.64 -8.47 4.40
CA VAL B 20 -13.65 -8.48 3.32
C VAL B 20 -12.66 -9.63 3.47
N ASP B 21 -12.61 -10.45 2.43
CA ASP B 21 -11.76 -11.62 2.36
C ASP B 21 -11.13 -11.66 0.98
N ILE B 22 -9.81 -11.80 0.92
CA ILE B 22 -9.10 -11.82 -0.35
C ILE B 22 -9.63 -12.86 -1.33
N ASN B 23 -10.24 -13.92 -0.81
CA ASN B 23 -10.77 -14.97 -1.67
C ASN B 23 -12.13 -14.65 -2.30
N THR B 24 -12.85 -13.68 -1.75
CA THR B 24 -14.17 -13.35 -2.27
C THR B 24 -14.40 -11.89 -2.64
N TRP B 25 -13.44 -11.03 -2.31
CA TRP B 25 -13.55 -9.59 -2.58
C TRP B 25 -13.63 -9.25 -4.06
N VAL B 26 -14.42 -8.22 -4.37
CA VAL B 26 -14.56 -7.72 -5.73
C VAL B 26 -14.64 -6.19 -5.65
N PRO B 27 -14.18 -5.48 -6.68
CA PRO B 27 -14.22 -4.02 -6.66
C PRO B 27 -15.63 -3.51 -6.39
N PHE B 28 -15.73 -2.41 -5.66
CA PHE B 28 -17.01 -1.81 -5.33
C PHE B 28 -17.00 -0.33 -5.68
N TYR B 29 -15.95 0.37 -5.25
CA TYR B 29 -15.81 1.79 -5.53
C TYR B 29 -15.13 1.93 -6.89
N SER B 30 -15.40 3.03 -7.57
CA SER B 30 -14.83 3.28 -8.89
C SER B 30 -13.32 3.47 -8.85
N THR B 31 -12.77 3.69 -7.67
CA THR B 31 -11.34 3.90 -7.51
C THR B 31 -10.54 2.63 -7.21
N GLU B 32 -11.23 1.52 -6.98
CA GLU B 32 -10.55 0.27 -6.68
C GLU B 32 -10.14 -0.53 -7.90
N LEU B 33 -9.06 -1.30 -7.77
CA LEU B 33 -8.57 -2.14 -8.84
C LEU B 33 -8.44 -3.55 -8.28
N ASN B 34 -7.38 -3.81 -7.52
CA ASN B 34 -7.21 -5.14 -6.94
C ASN B 34 -7.10 -5.13 -5.41
N LYS B 35 -7.31 -3.96 -4.81
CA LYS B 35 -7.24 -3.82 -3.35
C LYS B 35 -8.42 -2.98 -2.85
N PRO B 36 -8.99 -3.33 -1.69
CA PRO B 36 -10.11 -2.57 -1.14
C PRO B 36 -9.68 -1.21 -0.62
N ALA B 37 -10.55 -0.22 -0.81
CA ALA B 37 -10.29 1.13 -0.32
C ALA B 37 -10.38 1.11 1.19
N MET B 38 -9.57 1.94 1.84
CA MET B 38 -9.57 1.98 3.29
C MET B 38 -9.46 3.41 3.81
N ILE B 39 -9.83 3.59 5.08
CA ILE B 39 -9.76 4.89 5.70
C ILE B 39 -9.18 4.75 7.10
N TYR B 40 -8.38 5.74 7.48
CA TYR B 40 -7.72 5.77 8.77
C TYR B 40 -8.55 6.34 9.92
N CYS B 41 -8.69 5.56 10.99
CA CYS B 41 -9.41 5.98 12.19
C CYS B 41 -8.40 6.46 13.22
N SER B 42 -8.64 7.67 13.74
CA SER B 42 -7.73 8.28 14.71
C SER B 42 -7.90 7.84 16.16
N HIS B 43 -8.78 6.88 16.41
CA HIS B 43 -8.99 6.43 17.79
C HIS B 43 -7.74 5.78 18.40
N GLY B 44 -7.41 6.19 19.62
CA GLY B 44 -6.25 5.65 20.32
C GLY B 44 -4.96 5.77 19.54
N ASP B 45 -4.33 4.63 19.27
CA ASP B 45 -3.09 4.60 18.52
C ASP B 45 -3.37 4.55 17.01
N GLY B 46 -4.65 4.54 16.67
CA GLY B 46 -5.04 4.52 15.26
C GLY B 46 -5.13 3.13 14.65
N HIS B 47 -5.89 3.01 13.58
CA HIS B 47 -6.05 1.75 12.86
C HIS B 47 -6.80 2.01 11.57
N TRP B 48 -6.70 1.08 10.63
CA TRP B 48 -7.35 1.20 9.33
C TRP B 48 -8.55 0.27 9.19
N VAL B 49 -9.58 0.75 8.50
CA VAL B 49 -10.77 -0.05 8.26
C VAL B 49 -11.14 0.05 6.79
N HIS B 50 -11.81 -0.98 6.27
CA HIS B 50 -12.23 -0.97 4.88
C HIS B 50 -13.42 -0.02 4.82
N ALA B 51 -13.44 0.85 3.81
CA ALA B 51 -14.53 1.81 3.64
C ALA B 51 -15.86 1.10 3.50
N GLN B 52 -15.87 -0.04 2.82
CA GLN B 52 -17.09 -0.80 2.63
C GLN B 52 -17.61 -1.33 3.94
N CYS B 53 -16.70 -1.66 4.85
CA CYS B 53 -17.09 -2.17 6.16
C CYS B 53 -17.72 -1.11 7.04
N MET B 54 -17.45 0.16 6.74
CA MET B 54 -18.01 1.27 7.50
C MET B 54 -19.30 1.73 6.82
N ASP B 55 -19.65 1.04 5.74
CA ASP B 55 -20.85 1.37 4.95
C ASP B 55 -20.78 2.77 4.38
N LEU B 56 -19.60 3.17 3.92
CA LEU B 56 -19.42 4.50 3.36
C LEU B 56 -19.77 4.53 1.87
N GLU B 57 -20.62 5.49 1.50
CA GLU B 57 -21.03 5.68 0.11
C GLU B 57 -19.80 6.24 -0.60
N GLU B 58 -19.67 5.99 -1.89
CA GLU B 58 -18.52 6.50 -2.61
C GLU B 58 -18.34 8.01 -2.46
N ARG B 59 -19.42 8.77 -2.62
CA ARG B 59 -19.33 10.22 -2.49
C ARG B 59 -18.80 10.59 -1.10
N THR B 60 -19.25 9.87 -0.08
CA THR B 60 -18.82 10.13 1.29
C THR B 60 -17.32 9.83 1.45
N LEU B 61 -16.86 8.71 0.90
CA LEU B 61 -15.46 8.31 1.00
C LEU B 61 -14.55 9.34 0.32
N ILE B 62 -14.89 9.70 -0.91
CA ILE B 62 -14.12 10.68 -1.68
C ILE B 62 -14.06 12.03 -0.97
N HIS B 63 -15.19 12.46 -0.41
CA HIS B 63 -15.22 13.73 0.29
C HIS B 63 -14.23 13.69 1.44
N LEU B 64 -14.32 12.64 2.25
CA LEU B 64 -13.43 12.47 3.39
C LEU B 64 -11.97 12.42 2.95
N SER B 65 -11.69 11.75 1.84
CA SER B 65 -10.33 11.62 1.31
C SER B 65 -9.77 12.95 0.82
N GLU B 66 -10.65 13.83 0.34
CA GLU B 66 -10.22 15.12 -0.17
C GLU B 66 -10.04 16.17 0.94
N GLY B 67 -10.57 15.88 2.11
CA GLY B 67 -10.45 16.80 3.23
C GLY B 67 -9.26 16.58 4.14
N SER B 68 -9.05 17.51 5.06
CA SER B 68 -7.94 17.44 6.02
C SER B 68 -8.44 16.97 7.39
N ASN B 69 -9.74 16.69 7.47
CA ASN B 69 -10.42 16.21 8.67
C ASN B 69 -9.96 14.83 9.12
N LYS B 70 -9.97 14.58 10.42
CA LYS B 70 -9.62 13.25 10.90
C LYS B 70 -10.92 12.46 10.85
N TYR B 71 -10.80 11.13 10.91
CA TYR B 71 -11.96 10.26 10.86
C TYR B 71 -11.97 9.28 12.03
N TYR B 72 -13.16 9.03 12.57
CA TYR B 72 -13.33 8.06 13.65
C TYR B 72 -14.34 7.04 13.14
N CYS B 73 -14.00 5.76 13.19
CA CYS B 73 -14.87 4.71 12.68
C CYS B 73 -16.14 4.52 13.49
N ASN B 74 -17.07 3.73 12.94
CA ASN B 74 -18.36 3.46 13.58
C ASN B 74 -18.20 2.86 14.97
N GLU B 75 -17.11 2.14 15.17
CA GLU B 75 -16.82 1.48 16.44
C GLU B 75 -16.27 2.42 17.51
N HIS B 76 -15.59 3.49 17.10
CA HIS B 76 -15.00 4.40 18.07
C HIS B 76 -15.50 5.84 18.16
N VAL B 77 -16.19 6.31 17.12
CA VAL B 77 -16.66 7.69 17.11
C VAL B 77 -17.52 8.08 18.32
N GLN B 78 -18.21 7.13 18.92
CA GLN B 78 -19.06 7.46 20.07
C GLN B 78 -18.37 7.43 21.42
N ILE B 79 -17.06 7.19 21.43
CA ILE B 79 -16.33 7.17 22.68
C ILE B 79 -15.86 8.60 23.01
N ALA B 80 -16.13 9.02 24.23
CA ALA B 80 -15.75 10.37 24.68
C ALA B 80 -14.27 10.63 24.47
N ARG B 81 -13.95 11.83 23.99
CA ARG B 81 -12.57 12.21 23.74
C ARG B 81 -12.13 13.35 24.65
N ALA B 82 -11.73 13.06 25.80
N ALA C 1 18.67 -7.73 -9.74
CA ALA C 1 17.84 -6.55 -10.14
C ALA C 1 18.34 -5.28 -9.47
CAA NMM C 2 22.42 -0.71 -17.03
NH2 NMM C 2 22.16 -1.29 -15.72
CZ NMM C 2 21.12 -0.94 -15.01
NH1 NMM C 2 20.24 -0.04 -15.47
NE NMM C 2 20.91 -1.50 -13.79
CD NMM C 2 19.77 -1.19 -12.90
CG NMM C 2 19.70 -2.23 -11.81
CB NMM C 2 18.71 -1.81 -10.75
CA NMM C 2 18.63 -2.86 -9.64
C NMM C 2 17.64 -2.41 -8.59
O NMM C 2 16.44 -2.50 -8.78
N NMM C 2 18.21 -4.15 -10.17
N THR C 3 18.14 -1.91 -7.46
CA THR C 3 17.28 -1.47 -6.38
C THR C 3 17.81 -0.20 -5.70
N M3L C 4 16.98 0.35 -4.83
CA M3L C 4 17.30 1.55 -4.05
CB M3L C 4 16.57 2.78 -4.59
CG M3L C 4 16.98 3.21 -5.97
CD M3L C 4 16.23 4.47 -6.39
CE M3L C 4 16.61 4.91 -7.80
NZ M3L C 4 15.92 6.16 -8.28
C M3L C 4 16.87 1.32 -2.60
O M3L C 4 15.85 0.72 -2.34
CM1 M3L C 4 16.30 7.33 -7.41
CM2 M3L C 4 16.43 6.40 -9.68
CM3 M3L C 4 14.42 6.02 -8.29
N GLN C 5 17.68 1.83 -1.67
CA GLN C 5 17.40 1.71 -0.23
C GLN C 5 17.26 0.27 0.22
N THR C 6 18.12 -0.61 -0.27
CA THR C 6 18.06 -2.01 0.15
C THR C 6 19.33 -2.36 0.91
N ALA C 7 20.12 -1.34 1.20
CA ALA C 7 21.35 -1.54 1.95
C ALA C 7 21.05 -1.43 3.43
N ARG C 8 21.56 -2.41 4.15
CA ARG C 8 21.42 -2.56 5.58
C ARG C 8 22.21 -1.42 6.28
N LYS C 9 21.55 -0.60 7.11
CA LYS C 9 22.22 0.53 7.82
C LYS C 9 23.07 0.10 9.01
N ALA C 10 24.24 0.73 9.13
CA ALA C 10 25.19 0.40 10.20
C ALA C 10 24.82 0.74 11.64
N ALA C 11 24.97 -0.27 12.46
CA ALA C 11 24.75 -0.25 13.89
C ALA C 11 24.31 -1.63 14.27
N GLY C 12 25.39 -2.38 14.29
CA GLY C 12 25.53 -3.77 14.58
C GLY C 12 27.04 -3.73 14.80
N ALA D 1 -9.06 13.06 5.70
CA ALA D 1 -8.54 11.89 6.46
C ALA D 1 -7.68 11.03 5.52
CAA NMM D 2 1.72 9.41 8.59
NH2 NMM D 2 0.66 10.02 7.89
CZ NMM D 2 -0.28 9.28 7.50
NH1 NMM D 2 -0.27 7.94 7.78
NE NMM D 2 -1.29 9.79 6.83
CD NMM D 2 -2.40 9.01 6.35
CG NMM D 2 -3.70 9.76 6.49
CB NMM D 2 -4.73 8.80 5.98
CA NMM D 2 -5.90 9.42 5.23
C NMM D 2 -6.75 8.27 4.75
O NMM D 2 -7.54 7.73 5.49
N NMM D 2 -6.71 10.30 6.07
N THR D 3 -6.53 7.90 3.50
CA THR D 3 -7.25 6.81 2.87
C THR D 3 -6.29 6.07 1.92
N M3L D 4 -6.76 4.94 1.42
CA M3L D 4 -6.01 4.12 0.48
CB M3L D 4 -5.50 2.85 1.16
CG M3L D 4 -4.51 3.08 2.28
CD M3L D 4 -4.15 1.76 2.92
CE M3L D 4 -3.04 1.93 3.96
NZ M3L D 4 -2.61 0.65 4.62
C M3L D 4 -6.93 3.73 -0.67
O M3L D 4 -8.10 3.47 -0.46
CM1 M3L D 4 -2.05 -0.29 3.58
CM2 M3L D 4 -1.51 1.06 5.57
CM3 M3L D 4 -3.71 -0.06 5.38
N GLN D 5 -6.37 3.68 -1.88
CA GLN D 5 -7.11 3.29 -3.08
C GLN D 5 -8.34 4.14 -3.36
N THR D 6 -8.21 5.45 -3.21
CA THR D 6 -9.33 6.35 -3.43
C THR D 6 -8.99 7.47 -4.41
N ALA D 7 -7.82 7.38 -5.04
CA ALA D 7 -7.42 8.43 -5.96
C ALA D 7 -7.97 8.15 -7.36
N ARG D 8 -8.37 9.24 -8.02
CA ARG D 8 -8.96 9.11 -9.34
C ARG D 8 -8.17 8.49 -10.48
N LYS D 9 -9.02 8.00 -11.37
CA LYS D 9 -8.84 7.25 -12.63
C LYS D 9 -7.59 7.20 -13.52
N ALA D 10 -6.88 8.22 -13.71
ZN ZN E . 4.47 3.13 -5.53
ZN ZN F . 6.73 -2.79 -15.11
ZN ZN G . -13.23 -4.81 6.85
ZN ZN H . -11.73 3.13 14.99
#